data_6X8G
#
_entry.id   6X8G
#
_cell.length_a   36.076
_cell.length_b   74.027
_cell.length_c   99.117
_cell.angle_alpha   90.000
_cell.angle_beta   90.000
_cell.angle_gamma   90.000
#
_symmetry.space_group_name_H-M   'P 21 21 21'
#
loop_
_entity.id
_entity.type
_entity.pdbx_description
1 polymer 'Non-receptor tyrosine-protein kinase TYK2'
2 non-polymer trans-3-(cyanomethyl)-3-{4-[6-(1-methyl-1H-pyrazol-4-yl)pyrazolo[1,5-a]pyrazin-4-yl]-1H-pyrazol-1-yl}cyclobutane-1-carbonitrile
3 water water
#
_entity_poly.entity_id   1
_entity_poly.type   'polypeptide(L)'
_entity_poly.pdbx_seq_one_letter_code
;MAHHHHHHHHHHGALEVLFQGPGDPTVFHKRYLKKIRDLGEGHFGKVSLYCYDPTNDGTGEMVAVKALKADAGPQHRSGW
KQEIDILRTLYHEHIIKYKGCCEDAGAASLQLVMEYVPLGSLRDYLPRHSIGLAQLLLFAQQICEGMAYLHSQHYIHRDL
AARNVLLDNDRLVKIGDFGLAKAVPEGHE(PTR)YRVREDGDSPVFWYAPECLKEYKFYYASDVWSFGVTLYELLTHCDS
SQSPPTKFLELIGIAQGQMTVLRLTELLERGERLPRPDKCPAEVYHLMKNCWETEASFRPTFENLIPILKTVHEKYQGQA
PS
;
_entity_poly.pdbx_strand_id   A
#
loop_
_chem_comp.id
_chem_comp.type
_chem_comp.name
_chem_comp.formula
UWM non-polymer trans-3-(cyanomethyl)-3-{4-[6-(1-methyl-1H-pyrazol-4-yl)pyrazolo[1,5-a]pyrazin-4-yl]-1H-pyrazol-1-yl}cyclobutane-1-carbonitrile 'C20 H17 N9'
#
# COMPACT_ATOMS: atom_id res chain seq x y z
N PRO A 25 5.11 -3.12 -23.98
CA PRO A 25 4.31 -3.43 -25.18
C PRO A 25 3.93 -2.17 -25.95
N THR A 26 3.07 -1.31 -25.36
CA THR A 26 2.66 -0.04 -25.97
C THR A 26 3.77 0.95 -25.67
N VAL A 27 4.52 1.37 -26.70
CA VAL A 27 5.59 2.33 -26.52
C VAL A 27 5.01 3.72 -26.72
N PHE A 28 4.79 4.44 -25.60
CA PHE A 28 4.21 5.78 -25.57
C PHE A 28 5.25 6.77 -26.04
N HIS A 29 4.96 7.51 -27.11
CA HIS A 29 5.97 8.44 -27.61
C HIS A 29 6.01 9.69 -26.75
N LYS A 30 7.20 9.95 -26.17
CA LYS A 30 7.49 11.05 -25.26
C LYS A 30 7.03 12.43 -25.79
N ARG A 31 6.98 12.56 -27.12
CA ARG A 31 6.56 13.77 -27.82
C ARG A 31 5.05 14.05 -27.60
N TYR A 32 4.21 12.99 -27.62
CA TYR A 32 2.76 13.10 -27.43
C TYR A 32 2.31 13.24 -25.96
N LEU A 33 3.27 13.17 -25.01
CA LEU A 33 2.98 13.25 -23.58
C LEU A 33 2.93 14.67 -23.05
N LYS A 34 1.71 15.17 -22.77
CA LYS A 34 1.47 16.52 -22.25
C LYS A 34 1.19 16.45 -20.75
N LYS A 35 2.10 16.98 -19.92
CA LYS A 35 1.96 17.00 -18.47
C LYS A 35 0.82 17.92 -18.05
N ILE A 36 -0.13 17.37 -17.27
CA ILE A 36 -1.29 18.10 -16.76
C ILE A 36 -1.00 18.54 -15.32
N ARG A 37 -0.65 17.57 -14.42
CA ARG A 37 -0.33 17.83 -13.02
C ARG A 37 0.46 16.71 -12.33
N ASP A 38 1.12 17.05 -11.21
CA ASP A 38 1.81 16.08 -10.37
C ASP A 38 0.71 15.33 -9.60
N LEU A 39 0.85 14.00 -9.46
CA LEU A 39 -0.16 13.26 -8.72
C LEU A 39 0.30 12.93 -7.30
N GLY A 40 1.57 12.56 -7.16
CA GLY A 40 2.15 12.22 -5.87
C GLY A 40 3.52 11.58 -5.99
N GLU A 41 4.28 11.57 -4.88
CA GLU A 41 5.61 10.96 -4.82
C GLU A 41 5.68 9.89 -3.74
N GLY A 42 6.59 8.92 -3.91
CA GLY A 42 6.75 7.81 -3.00
C GLY A 42 8.09 7.12 -3.10
N HIS A 43 8.81 7.08 -1.98
CA HIS A 43 10.15 6.51 -1.81
C HIS A 43 11.14 6.96 -2.91
N PHE A 44 11.21 6.21 -4.02
CA PHE A 44 12.16 6.53 -5.09
C PHE A 44 11.51 6.94 -6.44
N GLY A 45 10.29 7.47 -6.38
CA GLY A 45 9.57 7.88 -7.59
C GLY A 45 8.55 8.98 -7.43
N LYS A 46 8.07 9.47 -8.57
CA LYS A 46 7.06 10.51 -8.68
C LYS A 46 6.10 10.11 -9.80
N VAL A 47 4.79 10.21 -9.52
CA VAL A 47 3.72 9.88 -10.47
C VAL A 47 3.09 11.17 -10.94
N SER A 48 2.86 11.30 -12.25
CA SER A 48 2.29 12.52 -12.83
C SER A 48 1.20 12.20 -13.84
N LEU A 49 0.18 13.06 -13.95
CA LEU A 49 -0.91 12.91 -14.91
C LEU A 49 -0.54 13.57 -16.25
N TYR A 50 -0.75 12.84 -17.35
CA TYR A 50 -0.46 13.28 -18.71
C TYR A 50 -1.63 12.98 -19.65
N CYS A 51 -1.74 13.79 -20.72
CA CYS A 51 -2.70 13.53 -21.79
C CYS A 51 -1.82 12.95 -22.88
N TYR A 52 -2.15 11.76 -23.39
CA TYR A 52 -1.39 11.15 -24.48
C TYR A 52 -2.13 11.53 -25.75
N ASP A 53 -1.67 12.61 -26.42
CA ASP A 53 -2.34 13.18 -27.58
C ASP A 53 -1.49 13.29 -28.87
N PRO A 54 -1.53 12.24 -29.75
CA PRO A 54 -0.79 12.30 -31.02
C PRO A 54 -1.31 13.34 -32.06
N THR A 55 -2.47 13.98 -31.80
CA THR A 55 -3.07 15.03 -32.64
C THR A 55 -3.29 16.32 -31.84
N ASN A 56 -4.51 16.51 -31.26
CA ASN A 56 -4.99 17.60 -30.39
C ASN A 56 -6.50 17.48 -30.18
N GLU A 61 -6.04 10.71 -24.40
CA GLU A 61 -6.23 9.82 -23.26
C GLU A 61 -5.40 10.18 -22.04
N MET A 62 -6.06 10.23 -20.87
CA MET A 62 -5.43 10.51 -19.59
C MET A 62 -4.70 9.27 -19.05
N VAL A 63 -3.40 9.42 -18.76
CA VAL A 63 -2.56 8.33 -18.24
C VAL A 63 -1.75 8.81 -17.06
N ALA A 64 -1.40 7.87 -16.16
CA ALA A 64 -0.57 8.16 -14.99
C ALA A 64 0.84 7.66 -15.33
N VAL A 65 1.85 8.55 -15.22
CA VAL A 65 3.23 8.19 -15.55
C VAL A 65 4.15 8.28 -14.31
N LYS A 66 4.83 7.18 -13.98
CA LYS A 66 5.77 7.07 -12.87
C LYS A 66 7.20 7.15 -13.40
N ALA A 67 7.98 8.04 -12.77
CA ALA A 67 9.38 8.23 -13.09
C ALA A 67 10.23 8.17 -11.82
N LEU A 68 11.48 7.71 -11.95
CA LEU A 68 12.47 7.64 -10.86
C LEU A 68 12.93 9.08 -10.52
N LYS A 69 12.81 9.48 -9.22
CA LYS A 69 13.15 10.83 -8.73
C LYS A 69 14.59 11.24 -8.99
N ALA A 72 18.12 9.71 -6.61
CA ALA A 72 17.90 8.27 -6.49
C ALA A 72 19.20 7.48 -6.68
N GLY A 73 19.45 6.54 -5.76
CA GLY A 73 20.66 5.71 -5.74
C GLY A 73 20.78 4.67 -6.84
N PRO A 74 21.96 4.00 -6.96
CA PRO A 74 22.11 2.96 -8.00
C PRO A 74 21.56 1.58 -7.61
N GLN A 75 21.26 1.38 -6.31
CA GLN A 75 20.67 0.17 -5.73
C GLN A 75 19.20 0.10 -6.19
N HIS A 76 18.48 1.23 -6.12
CA HIS A 76 17.08 1.36 -6.52
C HIS A 76 16.90 1.54 -8.03
N ARG A 77 17.97 1.90 -8.77
CA ARG A 77 17.92 2.02 -10.22
C ARG A 77 17.89 0.66 -10.93
N SER A 78 18.62 -0.34 -10.39
CA SER A 78 18.62 -1.71 -10.92
C SER A 78 17.30 -2.41 -10.55
N GLY A 79 16.75 -2.02 -9.40
CA GLY A 79 15.46 -2.52 -8.91
C GLY A 79 14.26 -1.96 -9.66
N TRP A 80 14.42 -0.81 -10.33
CA TRP A 80 13.38 -0.13 -11.12
C TRP A 80 12.84 -0.99 -12.25
N LYS A 81 13.74 -1.69 -12.97
CA LYS A 81 13.40 -2.59 -14.07
C LYS A 81 12.59 -3.78 -13.56
N GLN A 82 12.95 -4.27 -12.34
CA GLN A 82 12.31 -5.37 -11.64
C GLN A 82 10.88 -4.93 -11.23
N GLU A 83 10.73 -3.68 -10.76
CA GLU A 83 9.44 -3.08 -10.40
C GLU A 83 8.51 -3.05 -11.62
N ILE A 84 9.01 -2.58 -12.77
CA ILE A 84 8.21 -2.50 -14.01
C ILE A 84 7.74 -3.89 -14.44
N ASP A 85 8.63 -4.91 -14.35
CA ASP A 85 8.31 -6.30 -14.69
C ASP A 85 7.26 -6.89 -13.75
N ILE A 86 7.23 -6.45 -12.47
CA ILE A 86 6.25 -6.89 -11.47
C ILE A 86 4.84 -6.47 -11.93
N LEU A 87 4.61 -5.15 -12.16
CA LEU A 87 3.34 -4.59 -12.61
C LEU A 87 2.91 -5.11 -13.99
N ARG A 88 3.90 -5.37 -14.88
CA ARG A 88 3.70 -5.89 -16.23
C ARG A 88 3.02 -7.28 -16.23
N THR A 89 3.30 -8.10 -15.22
CA THR A 89 2.73 -9.44 -15.11
C THR A 89 1.55 -9.55 -14.14
N LEU A 90 1.04 -8.42 -13.58
CA LEU A 90 -0.12 -8.50 -12.70
C LEU A 90 -1.40 -8.12 -13.47
N TYR A 91 -2.34 -9.07 -13.54
CA TYR A 91 -3.62 -8.96 -14.24
C TYR A 91 -4.72 -9.23 -13.18
N HIS A 92 -5.28 -8.16 -12.57
CA HIS A 92 -6.29 -8.31 -11.51
C HIS A 92 -7.13 -7.07 -11.41
N GLU A 93 -8.42 -7.24 -11.11
CA GLU A 93 -9.41 -6.15 -11.00
C GLU A 93 -9.10 -5.14 -9.90
N HIS A 94 -8.42 -5.56 -8.82
CA HIS A 94 -8.08 -4.64 -7.74
C HIS A 94 -6.59 -4.31 -7.70
N ILE A 95 -5.95 -4.31 -8.89
CA ILE A 95 -4.56 -3.93 -9.12
C ILE A 95 -4.52 -2.97 -10.31
N ILE A 96 -3.92 -1.77 -10.12
CA ILE A 96 -3.77 -0.72 -11.13
C ILE A 96 -3.30 -1.30 -12.50
N LYS A 97 -3.95 -0.86 -13.59
CA LYS A 97 -3.64 -1.36 -14.95
C LYS A 97 -2.39 -0.76 -15.52
N TYR A 98 -1.44 -1.63 -15.86
CA TYR A 98 -0.17 -1.32 -16.53
C TYR A 98 -0.51 -1.00 -17.99
N LYS A 99 -0.14 0.19 -18.46
CA LYS A 99 -0.42 0.56 -19.87
C LYS A 99 0.76 0.13 -20.74
N GLY A 100 1.93 0.68 -20.47
CA GLY A 100 3.17 0.37 -21.16
C GLY A 100 4.34 1.14 -20.57
N CYS A 101 5.33 1.41 -21.42
CA CYS A 101 6.53 2.17 -21.07
C CYS A 101 6.80 3.19 -22.17
N CYS A 102 7.80 4.04 -21.95
CA CYS A 102 8.30 4.99 -22.93
C CYS A 102 9.79 5.18 -22.72
N GLU A 103 10.56 5.25 -23.84
CA GLU A 103 12.01 5.46 -23.82
C GLU A 103 12.27 6.88 -23.32
N ASP A 104 12.31 7.02 -21.98
CA ASP A 104 12.49 8.27 -21.28
C ASP A 104 13.94 8.72 -21.22
N ALA A 105 14.28 9.69 -22.08
CA ALA A 105 15.59 10.33 -22.11
C ALA A 105 15.64 11.35 -20.97
N GLY A 106 14.47 11.95 -20.68
CA GLY A 106 14.21 12.95 -19.63
C GLY A 106 14.91 12.74 -18.29
N ALA A 107 15.17 11.47 -17.94
CA ALA A 107 15.88 11.06 -16.73
C ALA A 107 16.63 9.71 -16.92
N ALA A 108 16.96 9.39 -18.22
CA ALA A 108 17.68 8.21 -18.74
C ALA A 108 16.95 6.85 -18.51
N SER A 109 16.53 6.58 -17.26
CA SER A 109 15.78 5.36 -16.91
C SER A 109 14.36 5.41 -17.50
N LEU A 110 13.76 4.24 -17.76
CA LEU A 110 12.41 4.10 -18.34
C LEU A 110 11.29 4.75 -17.52
N GLN A 111 10.21 5.18 -18.19
CA GLN A 111 9.04 5.71 -17.51
C GLN A 111 7.92 4.68 -17.57
N LEU A 112 7.15 4.57 -16.48
CA LEU A 112 6.08 3.58 -16.33
C LEU A 112 4.72 4.26 -16.58
N VAL A 113 3.97 3.76 -17.55
CA VAL A 113 2.67 4.31 -17.93
C VAL A 113 1.58 3.37 -17.41
N MET A 114 0.61 3.95 -16.69
CA MET A 114 -0.50 3.24 -16.05
C MET A 114 -1.79 3.97 -16.36
N GLU A 115 -2.91 3.37 -15.97
CA GLU A 115 -4.21 4.01 -16.09
C GLU A 115 -4.30 5.10 -15.03
N TYR A 116 -5.04 6.15 -15.35
CA TYR A 116 -5.34 7.19 -14.38
C TYR A 116 -6.57 6.64 -13.60
N VAL A 117 -6.45 6.47 -12.28
CA VAL A 117 -7.52 5.98 -11.37
C VAL A 117 -8.15 7.29 -10.86
N PRO A 118 -9.33 7.68 -11.39
CA PRO A 118 -9.83 9.07 -11.23
C PRO A 118 -10.06 9.68 -9.85
N LEU A 119 -10.42 8.93 -8.79
CA LEU A 119 -10.71 9.63 -7.51
C LEU A 119 -9.48 9.75 -6.55
N GLY A 120 -8.36 9.12 -6.90
CA GLY A 120 -7.12 9.21 -6.13
C GLY A 120 -6.96 8.26 -4.96
N SER A 121 -5.96 8.52 -4.12
CA SER A 121 -5.68 7.68 -2.96
C SER A 121 -6.71 7.87 -1.86
N LEU A 122 -6.93 6.79 -1.07
CA LEU A 122 -7.83 6.81 0.08
C LEU A 122 -7.32 7.79 1.14
N ARG A 123 -5.97 7.92 1.29
CA ARG A 123 -5.37 8.89 2.24
C ARG A 123 -5.83 10.31 1.90
N ASP A 124 -5.86 10.67 0.60
CA ASP A 124 -6.30 11.98 0.14
C ASP A 124 -7.82 12.11 0.11
N TYR A 125 -8.55 11.04 -0.26
CA TYR A 125 -10.00 11.09 -0.38
C TYR A 125 -10.79 11.09 0.92
N LEU A 126 -10.49 10.11 1.82
CA LEU A 126 -11.27 9.90 3.06
C LEU A 126 -11.35 11.11 4.01
N PRO A 127 -10.33 12.01 4.16
CA PRO A 127 -10.52 13.14 5.12
C PRO A 127 -11.59 14.16 4.73
N ARG A 128 -11.97 14.25 3.45
CA ARG A 128 -12.95 15.22 2.96
C ARG A 128 -14.29 14.60 2.57
N HIS A 129 -14.35 13.27 2.40
CA HIS A 129 -15.59 12.58 2.05
C HIS A 129 -15.98 11.61 3.14
N SER A 130 -17.10 11.89 3.83
CA SER A 130 -17.59 11.01 4.89
C SER A 130 -18.19 9.81 4.20
N ILE A 131 -17.54 8.68 4.39
CA ILE A 131 -17.89 7.38 3.81
C ILE A 131 -18.43 6.52 4.95
N GLY A 132 -19.47 5.75 4.65
CA GLY A 132 -20.10 4.86 5.62
C GLY A 132 -19.28 3.62 5.88
N LEU A 133 -19.52 3.00 7.03
CA LEU A 133 -18.85 1.78 7.47
C LEU A 133 -18.90 0.67 6.42
N ALA A 134 -20.08 0.53 5.78
CA ALA A 134 -20.37 -0.47 4.76
C ALA A 134 -19.41 -0.37 3.59
N GLN A 135 -19.21 0.85 3.05
CA GLN A 135 -18.30 1.12 1.94
C GLN A 135 -16.84 0.85 2.34
N LEU A 136 -16.48 1.27 3.56
CA LEU A 136 -15.13 1.05 4.08
C LEU A 136 -14.78 -0.43 4.10
N LEU A 137 -15.73 -1.30 4.53
CA LEU A 137 -15.48 -2.75 4.61
C LEU A 137 -15.38 -3.41 3.27
N LEU A 138 -16.05 -2.84 2.24
CA LEU A 138 -15.99 -3.34 0.86
C LEU A 138 -14.57 -3.10 0.32
N PHE A 139 -14.05 -1.88 0.60
CA PHE A 139 -12.73 -1.39 0.22
C PHE A 139 -11.66 -2.32 0.82
N ALA A 140 -11.86 -2.66 2.10
CA ALA A 140 -11.01 -3.61 2.84
C ALA A 140 -11.01 -5.00 2.20
N GLN A 141 -12.20 -5.52 1.81
CA GLN A 141 -12.36 -6.81 1.14
C GLN A 141 -11.65 -6.83 -0.23
N GLN A 142 -11.78 -5.73 -1.00
CA GLN A 142 -11.14 -5.58 -2.31
C GLN A 142 -9.60 -5.53 -2.22
N ILE A 143 -9.07 -4.84 -1.17
CA ILE A 143 -7.61 -4.78 -0.93
C ILE A 143 -7.08 -6.22 -0.70
N CYS A 144 -7.84 -7.04 0.10
CA CYS A 144 -7.52 -8.45 0.40
C CYS A 144 -7.49 -9.34 -0.84
N GLU A 145 -8.41 -9.12 -1.80
CA GLU A 145 -8.45 -9.87 -3.07
C GLU A 145 -7.23 -9.59 -3.93
N GLY A 146 -6.90 -8.29 -4.06
CA GLY A 146 -5.72 -7.85 -4.79
C GLY A 146 -4.47 -8.39 -4.13
N MET A 147 -4.43 -8.35 -2.79
CA MET A 147 -3.28 -8.84 -2.03
C MET A 147 -3.12 -10.34 -2.07
N ALA A 148 -4.25 -11.10 -2.07
CA ALA A 148 -4.20 -12.54 -2.11
C ALA A 148 -3.70 -12.97 -3.47
N TYR A 149 -4.09 -12.23 -4.52
CA TYR A 149 -3.62 -12.47 -5.88
C TYR A 149 -2.10 -12.20 -5.93
N LEU A 150 -1.62 -11.03 -5.41
CA LEU A 150 -0.19 -10.68 -5.38
C LEU A 150 0.61 -11.78 -4.68
N HIS A 151 0.11 -12.30 -3.54
CA HIS A 151 0.81 -13.37 -2.82
C HIS A 151 0.87 -14.69 -3.59
N SER A 152 -0.16 -14.99 -4.42
CA SER A 152 -0.15 -16.22 -5.21
C SER A 152 0.89 -16.14 -6.36
N GLN A 153 1.26 -14.92 -6.73
CA GLN A 153 2.27 -14.65 -7.73
C GLN A 153 3.69 -14.66 -7.11
N HIS A 154 3.79 -15.05 -5.82
CA HIS A 154 5.04 -15.12 -5.05
C HIS A 154 5.72 -13.73 -4.89
N TYR A 155 4.91 -12.69 -4.69
CA TYR A 155 5.39 -11.35 -4.46
C TYR A 155 4.85 -10.83 -3.15
N ILE A 156 5.67 -10.07 -2.41
CA ILE A 156 5.28 -9.33 -1.20
C ILE A 156 5.23 -7.86 -1.58
N HIS A 157 4.34 -7.07 -0.97
CA HIS A 157 4.17 -5.65 -1.28
C HIS A 157 5.15 -4.74 -0.52
N ARG A 158 5.23 -4.90 0.83
CA ARG A 158 6.11 -4.14 1.73
C ARG A 158 5.70 -2.65 1.96
N ASP A 159 4.65 -2.17 1.31
CA ASP A 159 4.28 -0.76 1.50
C ASP A 159 2.75 -0.61 1.47
N LEU A 160 2.02 -1.60 2.04
CA LEU A 160 0.57 -1.56 2.06
C LEU A 160 0.05 -0.54 3.07
N ALA A 161 -0.38 0.61 2.54
CA ALA A 161 -0.90 1.72 3.31
C ALA A 161 -2.01 2.36 2.46
N ALA A 162 -2.91 3.17 3.10
CA ALA A 162 -4.04 3.88 2.43
C ALA A 162 -3.59 4.79 1.29
N ARG A 163 -2.40 5.41 1.42
CA ARG A 163 -1.77 6.28 0.41
C ARG A 163 -1.47 5.48 -0.91
N ASN A 164 -1.45 4.12 -0.83
CA ASN A 164 -1.15 3.27 -1.99
C ASN A 164 -2.39 2.56 -2.50
N VAL A 165 -3.54 2.94 -1.97
CA VAL A 165 -4.84 2.38 -2.37
C VAL A 165 -5.55 3.51 -3.09
N LEU A 166 -5.93 3.26 -4.35
CA LEU A 166 -6.60 4.21 -5.23
C LEU A 166 -8.06 3.87 -5.44
N LEU A 167 -8.88 4.92 -5.50
CA LEU A 167 -10.32 4.87 -5.64
C LEU A 167 -10.69 5.15 -7.12
N ASP A 168 -11.23 4.13 -7.82
CA ASP A 168 -11.67 4.23 -9.22
C ASP A 168 -13.04 4.85 -9.31
N ASN A 169 -13.89 4.53 -8.32
CA ASN A 169 -15.25 5.01 -8.09
C ASN A 169 -15.62 4.55 -6.69
N ASP A 170 -16.70 5.14 -6.10
CA ASP A 170 -17.26 4.82 -4.77
C ASP A 170 -17.37 3.31 -4.44
N ARG A 171 -17.40 2.41 -5.46
CA ARG A 171 -17.50 0.96 -5.21
C ARG A 171 -16.31 0.14 -5.78
N LEU A 172 -15.20 0.82 -6.19
CA LEU A 172 -14.01 0.15 -6.73
C LEU A 172 -12.70 0.77 -6.19
N VAL A 173 -11.83 -0.09 -5.65
CA VAL A 173 -10.52 0.29 -5.14
C VAL A 173 -9.45 -0.63 -5.79
N LYS A 174 -8.24 -0.07 -6.04
CA LYS A 174 -7.07 -0.77 -6.60
C LYS A 174 -5.77 -0.40 -5.86
N ILE A 175 -4.88 -1.40 -5.67
CA ILE A 175 -3.53 -1.20 -5.14
C ILE A 175 -2.81 -0.48 -6.30
N GLY A 176 -2.32 0.74 -6.03
CA GLY A 176 -1.77 1.59 -7.05
C GLY A 176 -0.28 1.75 -7.21
N ASP A 177 0.52 1.27 -6.25
CA ASP A 177 1.97 1.42 -6.33
C ASP A 177 2.71 0.17 -5.83
N PHE A 178 3.82 -0.20 -6.51
CA PHE A 178 4.61 -1.40 -6.22
C PHE A 178 6.15 -1.13 -6.11
N GLY A 179 6.52 0.08 -5.69
CA GLY A 179 7.90 0.53 -5.50
C GLY A 179 8.78 -0.28 -4.56
N LEU A 180 8.21 -0.91 -3.50
CA LEU A 180 8.97 -1.76 -2.58
C LEU A 180 8.66 -3.24 -2.78
N ALA A 181 7.66 -3.60 -3.65
CA ALA A 181 7.27 -4.98 -3.95
C ALA A 181 8.45 -5.83 -4.43
N LYS A 182 8.61 -7.03 -3.84
CA LYS A 182 9.71 -7.97 -4.14
C LYS A 182 9.19 -9.39 -4.29
N ALA A 183 9.94 -10.21 -5.04
CA ALA A 183 9.69 -11.65 -5.16
C ALA A 183 10.19 -12.33 -3.87
N VAL A 184 9.44 -13.33 -3.37
CA VAL A 184 9.94 -14.06 -2.20
C VAL A 184 10.82 -15.19 -2.81
N PRO A 185 12.13 -15.31 -2.45
CA PRO A 185 12.96 -16.39 -3.07
C PRO A 185 12.35 -17.77 -2.82
N GLU A 186 12.27 -18.58 -3.90
CA GLU A 186 11.60 -19.88 -4.02
C GLU A 186 11.74 -20.88 -2.84
N GLY A 187 12.94 -21.05 -2.28
CA GLY A 187 13.11 -21.98 -1.18
C GLY A 187 13.11 -21.35 0.20
N HIS A 188 12.39 -20.22 0.37
CA HIS A 188 12.32 -19.47 1.64
C HIS A 188 10.92 -18.94 1.82
N GLU A 189 10.52 -18.67 3.07
CA GLU A 189 9.19 -18.12 3.33
C GLU A 189 9.25 -16.61 3.62
N PTR A 190 10.39 -15.98 3.30
CA PTR A 190 10.55 -14.56 3.56
C PTR A 190 11.59 -13.92 2.66
O PTR A 190 12.45 -14.60 2.10
CB PTR A 190 10.89 -14.27 5.07
CG PTR A 190 12.15 -15.01 5.53
CD1 PTR A 190 12.07 -16.29 6.18
CD2 PTR A 190 13.44 -14.43 5.28
CE1 PTR A 190 13.23 -16.94 6.60
CE2 PTR A 190 14.59 -15.10 5.69
CZ PTR A 190 14.51 -16.36 6.34
OH PTR A 190 15.69 -16.99 6.73
P PTR A 190 16.29 -17.95 5.62
O1P PTR A 190 17.49 -18.59 6.29
O2P PTR A 190 15.33 -19.05 5.15
O3P PTR A 190 16.81 -17.12 4.44
N TYR A 191 11.54 -12.60 2.56
CA TYR A 191 12.53 -11.82 1.85
C TYR A 191 13.37 -11.14 2.93
N ARG A 192 14.69 -11.15 2.74
CA ARG A 192 15.60 -10.49 3.69
C ARG A 192 15.75 -9.05 3.30
N VAL A 193 15.16 -8.17 4.11
CA VAL A 193 15.17 -6.71 3.89
C VAL A 193 16.36 -6.05 4.59
N ASP A 196 16.73 0.54 5.80
CA ASP A 196 16.74 1.77 5.01
C ASP A 196 16.00 2.89 5.73
N GLY A 197 16.33 4.14 5.36
CA GLY A 197 15.70 5.33 5.93
C GLY A 197 14.27 5.56 5.48
N ASP A 198 13.89 5.03 4.30
CA ASP A 198 12.55 5.18 3.72
C ASP A 198 11.54 4.05 4.08
N SER A 199 11.91 3.08 4.93
CA SER A 199 11.02 1.99 5.35
C SER A 199 9.76 2.49 6.05
N PRO A 200 8.55 2.06 5.65
CA PRO A 200 7.34 2.50 6.36
C PRO A 200 7.18 1.71 7.67
N VAL A 201 8.11 1.92 8.63
CA VAL A 201 8.18 1.20 9.90
C VAL A 201 6.87 1.29 10.74
N PHE A 202 6.04 2.37 10.59
CA PHE A 202 4.79 2.45 11.38
C PHE A 202 3.68 1.54 10.83
N TRP A 203 3.95 0.88 9.68
CA TRP A 203 3.03 -0.09 9.06
C TRP A 203 3.66 -1.51 9.14
N TYR A 204 4.80 -1.65 9.86
CA TYR A 204 5.55 -2.91 9.90
C TYR A 204 5.42 -3.79 11.14
N ALA A 205 5.36 -5.12 10.93
CA ALA A 205 5.28 -6.15 11.99
C ALA A 205 6.61 -6.21 12.76
N PRO A 206 6.64 -6.73 14.01
CA PRO A 206 7.91 -6.75 14.73
C PRO A 206 9.04 -7.53 14.06
N GLU A 207 8.73 -8.59 13.27
CA GLU A 207 9.76 -9.42 12.62
C GLU A 207 10.56 -8.65 11.55
N CYS A 208 9.89 -7.70 10.85
CA CYS A 208 10.51 -6.82 9.84
C CYS A 208 11.46 -5.85 10.55
N LEU A 209 11.02 -5.32 11.70
CA LEU A 209 11.72 -4.33 12.52
C LEU A 209 12.89 -4.86 13.32
N LYS A 210 12.76 -6.08 13.81
CA LYS A 210 13.74 -6.76 14.66
C LYS A 210 14.69 -7.72 13.92
N GLU A 211 14.17 -8.51 12.96
CA GLU A 211 14.94 -9.54 12.25
C GLU A 211 15.15 -9.25 10.77
N TYR A 212 14.53 -8.13 10.28
CA TYR A 212 14.63 -7.67 8.89
C TYR A 212 14.23 -8.76 7.88
N LYS A 213 13.22 -9.54 8.28
CA LYS A 213 12.58 -10.60 7.50
C LYS A 213 11.14 -10.18 7.16
N PHE A 214 10.84 -10.14 5.87
CA PHE A 214 9.50 -9.81 5.43
C PHE A 214 8.83 -11.07 4.91
N TYR A 215 7.80 -11.54 5.64
CA TYR A 215 7.03 -12.75 5.29
C TYR A 215 5.75 -12.33 4.61
N TYR A 216 5.01 -13.28 3.98
CA TYR A 216 3.69 -12.98 3.37
C TYR A 216 2.78 -12.46 4.52
N ALA A 217 2.93 -12.98 5.74
CA ALA A 217 2.14 -12.59 6.93
C ALA A 217 2.44 -11.18 7.44
N SER A 218 3.61 -10.61 7.05
CA SER A 218 4.07 -9.25 7.37
C SER A 218 3.21 -8.25 6.60
N ASP A 219 2.76 -8.65 5.40
CA ASP A 219 1.85 -7.85 4.57
C ASP A 219 0.45 -7.81 5.22
N VAL A 220 0.05 -8.87 5.97
CA VAL A 220 -1.26 -8.91 6.66
C VAL A 220 -1.30 -7.91 7.82
N TRP A 221 -0.16 -7.79 8.57
CA TRP A 221 0.03 -6.81 9.63
C TRP A 221 -0.22 -5.40 9.08
N SER A 222 0.42 -5.07 7.97
CA SER A 222 0.25 -3.77 7.30
C SER A 222 -1.22 -3.52 6.87
N PHE A 223 -1.93 -4.58 6.42
CA PHE A 223 -3.34 -4.53 6.05
C PHE A 223 -4.19 -4.10 7.27
N GLY A 224 -3.88 -4.68 8.43
CA GLY A 224 -4.54 -4.33 9.68
C GLY A 224 -4.37 -2.86 9.99
N VAL A 225 -3.19 -2.29 9.66
CA VAL A 225 -2.87 -0.86 9.83
C VAL A 225 -3.65 -0.03 8.80
N THR A 226 -3.69 -0.51 7.54
CA THR A 226 -4.46 0.14 6.47
C THR A 226 -5.96 0.19 6.85
N LEU A 227 -6.48 -0.88 7.47
CA LEU A 227 -7.88 -0.97 7.87
C LEU A 227 -8.18 0.05 9.02
N TYR A 228 -7.27 0.19 9.98
CA TYR A 228 -7.33 1.21 11.05
C TYR A 228 -7.44 2.64 10.40
N GLU A 229 -6.52 2.96 9.46
CA GLU A 229 -6.46 4.22 8.69
C GLU A 229 -7.81 4.49 8.04
N LEU A 230 -8.41 3.47 7.36
CA LEU A 230 -9.70 3.58 6.68
C LEU A 230 -10.79 3.94 7.70
N LEU A 231 -10.76 3.29 8.87
CA LEU A 231 -11.77 3.48 9.90
C LEU A 231 -11.68 4.83 10.63
N THR A 232 -10.48 5.45 10.65
CA THR A 232 -10.23 6.79 11.21
C THR A 232 -10.38 7.85 10.13
N HIS A 233 -10.81 7.46 8.91
CA HIS A 233 -11.00 8.32 7.72
C HIS A 233 -9.72 9.03 7.32
N CYS A 234 -8.57 8.38 7.59
CA CYS A 234 -7.23 8.89 7.35
C CYS A 234 -6.98 10.26 8.00
N ASP A 235 -7.64 10.53 9.15
CA ASP A 235 -7.45 11.75 9.94
C ASP A 235 -6.01 11.75 10.45
N SER A 236 -5.28 12.84 10.16
CA SER A 236 -3.86 13.07 10.49
C SER A 236 -3.48 12.83 11.95
N SER A 237 -4.27 13.39 12.87
CA SER A 237 -4.08 13.31 14.31
C SER A 237 -4.30 11.87 14.81
N GLN A 238 -4.95 11.05 14.00
CA GLN A 238 -5.24 9.66 14.31
CA GLN A 238 -5.19 9.67 14.36
C GLN A 238 -4.31 8.71 13.54
N SER A 239 -3.39 9.24 12.73
CA SER A 239 -2.51 8.38 11.92
C SER A 239 -1.51 7.50 12.73
N PRO A 240 -1.09 6.31 12.19
CA PRO A 240 -0.10 5.48 12.91
C PRO A 240 1.21 6.21 13.26
N PRO A 241 1.89 7.02 12.39
CA PRO A 241 3.08 7.78 12.87
C PRO A 241 2.74 8.73 14.02
N THR A 242 1.58 9.40 13.97
CA THR A 242 1.14 10.30 15.04
C THR A 242 0.96 9.55 16.37
N LYS A 243 0.12 8.50 16.36
CA LYS A 243 -0.23 7.66 17.52
C LYS A 243 0.94 6.96 18.13
N PHE A 244 1.81 6.34 17.30
CA PHE A 244 2.99 5.66 17.81
C PHE A 244 4.05 6.62 18.40
N LEU A 245 4.23 7.80 17.78
CA LEU A 245 5.19 8.76 18.30
C LEU A 245 4.71 9.38 19.61
N GLU A 246 3.39 9.42 19.90
CA GLU A 246 2.86 9.89 21.20
C GLU A 246 3.18 8.84 22.29
N LEU A 247 3.35 7.59 21.89
CA LEU A 247 3.69 6.46 22.78
C LEU A 247 5.20 6.31 22.95
N ILE A 248 5.99 6.67 21.92
CA ILE A 248 7.45 6.55 21.93
C ILE A 248 8.12 7.81 22.52
N GLY A 249 7.69 8.97 22.01
CA GLY A 249 8.30 10.26 22.32
C GLY A 249 9.17 10.63 21.14
N ILE A 250 9.54 11.92 21.02
CA ILE A 250 10.31 12.36 19.86
C ILE A 250 11.81 12.63 20.17
N ALA A 251 12.25 12.39 21.42
CA ALA A 251 13.65 12.60 21.82
C ALA A 251 14.36 11.27 22.09
N GLN A 252 14.26 10.33 21.13
CA GLN A 252 14.79 8.97 21.33
C GLN A 252 16.04 8.60 20.51
N GLY A 253 16.82 9.59 20.09
CA GLY A 253 18.02 9.37 19.29
C GLY A 253 17.71 8.49 18.08
N GLN A 254 18.59 7.52 17.84
CA GLN A 254 18.45 6.53 16.76
C GLN A 254 17.59 5.33 17.23
N MET A 255 16.82 5.49 18.35
CA MET A 255 16.07 4.39 18.96
C MET A 255 14.53 4.42 18.82
N THR A 256 13.96 5.16 17.84
CA THR A 256 12.50 5.16 17.58
C THR A 256 12.05 3.74 17.23
N VAL A 257 12.75 3.07 16.28
CA VAL A 257 12.46 1.71 15.79
C VAL A 257 12.55 0.69 16.92
N LEU A 258 13.58 0.78 17.78
CA LEU A 258 13.77 -0.12 18.92
C LEU A 258 12.62 0.03 19.94
N ARG A 259 12.27 1.28 20.25
CA ARG A 259 11.19 1.64 21.16
C ARG A 259 9.86 1.17 20.59
N LEU A 260 9.72 1.21 19.24
CA LEU A 260 8.51 0.77 18.57
C LEU A 260 8.41 -0.73 18.70
N THR A 261 9.51 -1.43 18.45
CA THR A 261 9.59 -2.87 18.53
C THR A 261 9.26 -3.37 19.93
N GLU A 262 9.79 -2.72 20.99
CA GLU A 262 9.53 -3.18 22.36
C GLU A 262 8.08 -2.95 22.83
N LEU A 263 7.44 -1.81 22.45
CA LEU A 263 6.04 -1.53 22.81
C LEU A 263 5.11 -2.52 22.11
N LEU A 264 5.47 -2.90 20.86
CA LEU A 264 4.68 -3.84 20.06
C LEU A 264 4.75 -5.18 20.76
N GLU A 265 5.97 -5.61 21.16
CA GLU A 265 6.22 -6.86 21.87
C GLU A 265 5.57 -6.92 23.26
N ARG A 266 5.31 -5.78 23.90
CA ARG A 266 4.63 -5.68 25.20
C ARG A 266 3.10 -5.79 25.02
N GLY A 267 2.65 -5.86 23.77
CA GLY A 267 1.25 -6.01 23.41
C GLY A 267 0.47 -4.75 23.13
N GLU A 268 1.13 -3.58 23.15
CA GLU A 268 0.49 -2.29 22.88
C GLU A 268 0.15 -2.20 21.41
N ARG A 269 -0.98 -1.59 21.10
CA ARG A 269 -1.49 -1.51 19.72
C ARG A 269 -2.17 -0.19 19.48
N LEU A 270 -2.48 0.13 18.20
CA LEU A 270 -3.19 1.36 17.83
C LEU A 270 -4.60 1.33 18.43
N PRO A 271 -5.17 2.46 18.90
CA PRO A 271 -6.49 2.39 19.54
C PRO A 271 -7.63 1.96 18.62
N ARG A 272 -8.79 1.72 19.23
CA ARG A 272 -9.98 1.37 18.49
C ARG A 272 -10.54 2.67 17.89
N PRO A 273 -10.67 2.76 16.54
CA PRO A 273 -11.24 3.98 15.94
C PRO A 273 -12.68 4.24 16.42
N ASP A 274 -13.05 5.51 16.64
CA ASP A 274 -14.42 5.81 17.06
C ASP A 274 -15.40 5.31 16.01
N LYS A 275 -16.48 4.63 16.45
CA LYS A 275 -17.50 4.03 15.60
C LYS A 275 -16.99 2.81 14.77
N CYS A 276 -15.84 2.22 15.18
CA CYS A 276 -15.36 0.99 14.54
C CYS A 276 -15.99 -0.11 15.38
N PRO A 277 -16.78 -1.05 14.79
CA PRO A 277 -17.34 -2.14 15.59
C PRO A 277 -16.30 -2.93 16.37
N ALA A 278 -16.72 -3.48 17.52
CA ALA A 278 -15.83 -4.25 18.39
C ALA A 278 -15.27 -5.48 17.63
N GLU A 279 -16.08 -6.12 16.79
CA GLU A 279 -15.70 -7.31 16.02
C GLU A 279 -14.64 -6.99 14.95
N VAL A 280 -14.74 -5.79 14.33
CA VAL A 280 -13.81 -5.33 13.30
C VAL A 280 -12.48 -5.01 13.99
N TYR A 281 -12.55 -4.41 15.19
CA TYR A 281 -11.35 -4.13 16.00
C TYR A 281 -10.59 -5.41 16.33
N HIS A 282 -11.31 -6.49 16.73
CA HIS A 282 -10.70 -7.79 17.01
C HIS A 282 -10.08 -8.42 15.75
N LEU A 283 -10.70 -8.26 14.57
CA LEU A 283 -10.17 -8.73 13.28
C LEU A 283 -8.79 -8.04 13.04
N MET A 284 -8.74 -6.70 13.21
CA MET A 284 -7.55 -5.84 13.11
C MET A 284 -6.48 -6.37 14.06
N LYS A 285 -6.83 -6.56 15.32
CA LYS A 285 -5.94 -7.10 16.36
C LYS A 285 -5.40 -8.48 16.01
N ASN A 286 -6.16 -9.29 15.28
CA ASN A 286 -5.72 -10.61 14.87
C ASN A 286 -4.68 -10.51 13.73
N CYS A 287 -4.79 -9.45 12.92
CA CYS A 287 -3.83 -9.05 11.88
C CYS A 287 -2.56 -8.58 12.56
N TRP A 288 -2.67 -8.06 13.81
CA TRP A 288 -1.53 -7.58 14.60
C TRP A 288 -1.02 -8.56 15.65
N GLU A 289 -1.11 -9.88 15.38
CA GLU A 289 -0.55 -10.84 16.35
C GLU A 289 0.97 -10.78 16.25
N THR A 290 1.70 -10.73 17.39
CA THR A 290 3.17 -10.69 17.37
C THR A 290 3.74 -11.91 16.62
N GLU A 291 3.15 -13.08 16.86
CA GLU A 291 3.52 -14.31 16.16
C GLU A 291 2.89 -14.25 14.78
N ALA A 292 3.73 -14.26 13.73
CA ALA A 292 3.31 -14.18 12.33
C ALA A 292 2.39 -15.31 11.90
N SER A 293 2.63 -16.55 12.41
CA SER A 293 1.80 -17.72 12.10
C SER A 293 0.39 -17.65 12.70
N PHE A 294 0.16 -16.83 13.74
CA PHE A 294 -1.20 -16.69 14.31
C PHE A 294 -2.08 -15.70 13.52
N ARG A 295 -1.49 -14.93 12.56
CA ARG A 295 -2.24 -13.96 11.72
C ARG A 295 -3.06 -14.69 10.64
N PRO A 296 -4.24 -14.17 10.23
CA PRO A 296 -4.95 -14.82 9.10
C PRO A 296 -4.21 -14.55 7.79
N THR A 297 -4.40 -15.38 6.77
CA THR A 297 -3.80 -15.07 5.47
C THR A 297 -4.81 -14.17 4.72
N PHE A 298 -4.43 -13.61 3.56
CA PHE A 298 -5.37 -12.80 2.80
C PHE A 298 -6.53 -13.64 2.26
N GLU A 299 -6.26 -14.93 1.92
CA GLU A 299 -7.27 -15.89 1.49
C GLU A 299 -8.28 -16.10 2.62
N ASN A 300 -7.83 -16.22 3.90
CA ASN A 300 -8.71 -16.35 5.08
C ASN A 300 -9.61 -15.11 5.31
N LEU A 301 -9.06 -13.94 5.01
CA LEU A 301 -9.72 -12.65 5.22
C LEU A 301 -10.88 -12.37 4.24
N ILE A 302 -10.76 -12.80 2.97
CA ILE A 302 -11.78 -12.53 1.94
C ILE A 302 -13.23 -12.99 2.38
N PRO A 303 -13.52 -14.28 2.77
CA PRO A 303 -14.90 -14.63 3.20
C PRO A 303 -15.37 -13.88 4.46
N ILE A 304 -14.46 -13.65 5.40
CA ILE A 304 -14.75 -12.95 6.63
C ILE A 304 -15.24 -11.51 6.33
N LEU A 305 -14.46 -10.73 5.56
CA LEU A 305 -14.82 -9.37 5.16
C LEU A 305 -16.08 -9.32 4.28
N LYS A 306 -16.27 -10.33 3.41
CA LYS A 306 -17.49 -10.45 2.57
C LYS A 306 -18.74 -10.46 3.46
N THR A 307 -18.73 -11.28 4.51
CA THR A 307 -19.79 -11.42 5.51
C THR A 307 -19.99 -10.15 6.34
N VAL A 308 -18.88 -9.56 6.87
CA VAL A 308 -18.89 -8.32 7.66
C VAL A 308 -19.47 -7.15 6.80
N HIS A 309 -19.11 -7.07 5.50
CA HIS A 309 -19.64 -6.07 4.54
C HIS A 309 -21.16 -6.26 4.37
N GLU A 310 -21.61 -7.53 4.10
CA GLU A 310 -23.02 -7.88 3.94
C GLU A 310 -23.84 -7.53 5.18
N LYS A 311 -23.24 -7.66 6.38
CA LYS A 311 -23.93 -7.35 7.63
C LYS A 311 -24.19 -5.83 7.77
N TYR A 312 -23.17 -5.00 7.52
CA TYR A 312 -23.32 -3.56 7.68
C TYR A 312 -23.96 -2.90 6.45
N GLN A 313 -24.02 -3.61 5.31
CA GLN A 313 -24.66 -3.12 4.08
C GLN A 313 -26.17 -2.93 4.29
N GLY A 314 -26.73 -3.62 5.29
CA GLY A 314 -28.13 -3.55 5.69
C GLY A 314 -28.24 -3.08 7.15
N3 UWM B . -3.37 10.03 -7.76
C4 UWM B . -6.62 11.52 -8.83
N2 UWM B . -6.22 13.08 -7.20
C7 UWM B . -2.64 8.20 -9.16
C6 UWM B . -2.50 9.06 -8.03
C9 UWM B . -2.70 6.72 -10.85
C13 UWM B . -1.03 9.76 -6.05
C20 UWM B . -0.03 5.38 -5.03
C8 UWM B . -4.75 9.32 -9.66
N5 UWM B . -3.88 7.43 -10.96
C18 UWM B . 4.74 7.31 -6.43
C16 UWM B . 3.37 7.75 -6.42
C19 UWM B . 0.94 6.30 -4.45
C1 UWM B . -8.38 13.31 -8.40
N1 UWM B . -7.10 12.64 -8.16
C2 UWM B . -5.16 12.24 -7.27
C3 UWM B . -5.37 11.25 -8.28
C5 UWM B . -4.48 10.16 -8.60
N4 UWM B . -3.82 8.33 -9.94
C10 UWM B . -1.91 7.16 -9.76
C11 UWM B . -1.39 8.88 -7.14
C12 UWM B . -0.47 7.83 -7.09
N6 UWM B . 0.38 8.11 -6.02
N7 UWM B . 0.04 9.28 -5.38
C14 UWM B . 1.46 7.26 -5.50
C15 UWM B . 2.31 6.64 -6.65
C17 UWM B . 2.71 8.10 -5.07
N8 UWM B . 5.85 6.99 -6.49
N9 UWM B . -0.79 4.65 -5.49
H6 UWM B . -7.18 11.02 -9.62
H8 UWM B . -2.48 5.92 -11.54
H11 UWM B . -1.53 10.70 -5.78
H7 UWM B . -5.63 9.39 -10.31
H1 UWM B . 3.29 8.59 -7.16
H16 UWM B . 0.48 6.86 -3.60
H17 UWM B . 1.77 5.71 -4.00
H2 UWM B . -8.57 13.42 -9.48
H4 UWM B . -8.40 14.32 -7.94
H3 UWM B . -9.21 12.72 -7.97
H5 UWM B . -4.29 12.34 -6.62
H9 UWM B . -0.95 6.78 -9.45
H10 UWM B . -0.42 6.95 -7.71
H12 UWM B . 2.66 5.62 -6.44
H13 UWM B . 1.87 6.61 -7.66
H15 UWM B . 2.57 9.18 -4.88
H14 UWM B . 3.23 7.71 -4.18
#